data_2RLL
# 
_entry.id   2RLL 
# 
_audit_conform.dict_name       mmcif_pdbx.dic 
_audit_conform.dict_version    5.397 
_audit_conform.dict_location   http://mmcif.pdb.org/dictionaries/ascii/mmcif_pdbx.dic 
# 
loop_
_database_2.database_id 
_database_2.database_code 
_database_2.pdbx_database_accession 
_database_2.pdbx_DOI 
PDB   2RLL         pdb_00002rll 10.2210/pdb2rll/pdb 
RCSB  RCSB150007   ?            ?                   
WWPDB D_1000150007 ?            ?                   
# 
loop_
_pdbx_audit_revision_history.ordinal 
_pdbx_audit_revision_history.data_content_type 
_pdbx_audit_revision_history.major_revision 
_pdbx_audit_revision_history.minor_revision 
_pdbx_audit_revision_history.revision_date 
1 'Structure model' 1 0 2007-09-25 
2 'Structure model' 1 1 2011-07-13 
3 'Structure model' 1 2 2022-03-16 
4 'Structure model' 2 0 2023-11-15 
5 'Structure model' 2 1 2024-10-30 
# 
_pdbx_audit_revision_details.ordinal             1 
_pdbx_audit_revision_details.revision_ordinal    1 
_pdbx_audit_revision_details.data_content_type   'Structure model' 
_pdbx_audit_revision_details.provider            repository 
_pdbx_audit_revision_details.type                'Initial release' 
_pdbx_audit_revision_details.description         ? 
_pdbx_audit_revision_details.details             ? 
# 
loop_
_pdbx_audit_revision_group.ordinal 
_pdbx_audit_revision_group.revision_ordinal 
_pdbx_audit_revision_group.data_content_type 
_pdbx_audit_revision_group.group 
1 2 'Structure model' 'Version format compliance' 
2 3 'Structure model' 'Data collection'           
3 3 'Structure model' 'Database references'       
4 3 'Structure model' 'Derived calculations'      
5 4 'Structure model' 'Atomic model'              
6 4 'Structure model' 'Data collection'           
7 5 'Structure model' 'Structure summary'         
# 
loop_
_pdbx_audit_revision_category.ordinal 
_pdbx_audit_revision_category.revision_ordinal 
_pdbx_audit_revision_category.data_content_type 
_pdbx_audit_revision_category.category 
1  3 'Structure model' database_2                
2  3 'Structure model' pdbx_nmr_software         
3  3 'Structure model' pdbx_nmr_spectrometer     
4  3 'Structure model' pdbx_struct_assembly      
5  3 'Structure model' pdbx_struct_oper_list     
6  3 'Structure model' struct_conn               
7  4 'Structure model' atom_site                 
8  4 'Structure model' chem_comp_atom            
9  4 'Structure model' chem_comp_bond            
10 5 'Structure model' pdbx_entry_details        
11 5 'Structure model' pdbx_modification_feature 
# 
loop_
_pdbx_audit_revision_item.ordinal 
_pdbx_audit_revision_item.revision_ordinal 
_pdbx_audit_revision_item.data_content_type 
_pdbx_audit_revision_item.item 
1 3 'Structure model' '_database_2.pdbx_DOI'                
2 3 'Structure model' '_database_2.pdbx_database_accession' 
3 3 'Structure model' '_pdbx_nmr_software.name'             
4 3 'Structure model' '_pdbx_nmr_spectrometer.model'        
5 3 'Structure model' '_struct_conn.pdbx_leaving_atom_flag' 
6 4 'Structure model' '_atom_site.auth_atom_id'             
7 4 'Structure model' '_atom_site.label_atom_id'            
# 
_pdbx_database_status.deposit_site                    BMRB 
_pdbx_database_status.entry_id                        2RLL 
_pdbx_database_status.process_site                    PDBJ 
_pdbx_database_status.recvd_initial_deposition_date   2007-07-21 
_pdbx_database_status.SG_entry                        ? 
_pdbx_database_status.status_code                     REL 
_pdbx_database_status.status_code_mr                  ? 
_pdbx_database_status.status_code_sf                  ? 
_pdbx_database_status.pdb_format_compatible           Y 
_pdbx_database_status.status_code_cs                  ? 
_pdbx_database_status.status_code_nmr_data            ? 
_pdbx_database_status.methods_development_category    ? 
# 
loop_
_audit_author.name 
_audit_author.pdbx_ordinal 
'Bewley, C.A.' 1 
'Lam, S.N.'    2 
# 
_citation.id                        primary 
_citation.title                     
'Structures of the CCR5 N terminus and of a tyrosine-sulfated antibody with HIV-1 gp120 and CD4' 
_citation.journal_abbrev            Science 
_citation.journal_volume            317 
_citation.page_first                1930 
_citation.page_last                 1934 
_citation.year                      2007 
_citation.journal_id_ASTM           SCIEAS 
_citation.country                   US 
_citation.journal_id_ISSN           0036-8075 
_citation.journal_id_CSD            0038 
_citation.book_publisher            ? 
_citation.pdbx_database_id_PubMed   17901336 
_citation.pdbx_database_id_DOI      10.1126/science.1145373 
# 
loop_
_citation_author.citation_id 
_citation_author.name 
_citation_author.ordinal 
_citation_author.identifier_ORCID 
primary 'Huang, C.-C.'    1  ? 
primary 'Lam, S.N.'       2  ? 
primary 'Acharya, P.'     3  ? 
primary 'Tang, M.'        4  ? 
primary 'Xiang, S.-H.'    5  ? 
primary 'Hussan, S.S.'    6  ? 
primary 'Stanfield, R.L.' 7  ? 
primary 'Robinson, J.'    8  ? 
primary 'Sodroski, J.'    9  ? 
primary 'Wilson, I.A.'    10 ? 
primary 'Wyatt, R.'       11 ? 
primary 'Bewley, C.A.'    12 ? 
primary 'Kwong, P.D.'     13 ? 
# 
_entity.id                         1 
_entity.type                       polymer 
_entity.src_method                 syn 
_entity.pdbx_description           '9-mer from C-C chemokine receptor type 5' 
_entity.formula_weight             1307.361 
_entity.pdbx_number_of_molecules   1 
_entity.pdbx_ec                    ? 
_entity.pdbx_mutation              ? 
_entity.pdbx_fragment              'Extracellular domain, UNP residues 7-15' 
_entity.details                    ? 
# 
_entity_name_com.entity_id   1 
_entity_name_com.name        'C-C CKR-5, CC-CKR-5, CCR-5, CCR5, HIV-1 fusion coreceptor, CHEMR13, CD195 antigen' 
# 
_entity_poly.entity_id                      1 
_entity_poly.type                           'polypeptide(L)' 
_entity_poly.nstd_linkage                   no 
_entity_poly.nstd_monomer                   yes 
_entity_poly.pdbx_seq_one_letter_code       'SPI(TYS)DIN(TYS)Y' 
_entity_poly.pdbx_seq_one_letter_code_can   SPIYDINYY 
_entity_poly.pdbx_strand_id                 A 
_entity_poly.pdbx_target_identifier         ? 
# 
loop_
_entity_poly_seq.entity_id 
_entity_poly_seq.num 
_entity_poly_seq.mon_id 
_entity_poly_seq.hetero 
1 1 SER n 
1 2 PRO n 
1 3 ILE n 
1 4 TYS n 
1 5 ASP n 
1 6 ILE n 
1 7 ASN n 
1 8 TYS n 
1 9 TYR n 
# 
_pdbx_entity_src_syn.entity_id              1 
_pdbx_entity_src_syn.pdbx_src_id            1 
_pdbx_entity_src_syn.pdbx_alt_source_flag   sample 
_pdbx_entity_src_syn.pdbx_beg_seq_num       ? 
_pdbx_entity_src_syn.pdbx_end_seq_num       ? 
_pdbx_entity_src_syn.organism_scientific    ? 
_pdbx_entity_src_syn.organism_common_name   ? 
_pdbx_entity_src_syn.ncbi_taxonomy_id       ? 
_pdbx_entity_src_syn.details                
;This peptide was chemically synthesized by solid phase synthesis and purified by reverse phase HPLC.; This sequence occurs naturally in humans.
;
# 
loop_
_chem_comp.id 
_chem_comp.type 
_chem_comp.mon_nstd_flag 
_chem_comp.name 
_chem_comp.pdbx_synonyms 
_chem_comp.formula 
_chem_comp.formula_weight 
ASN 'L-peptide linking' y ASPARAGINE         ? 'C4 H8 N2 O3'   132.118 
ASP 'L-peptide linking' y 'ASPARTIC ACID'    ? 'C4 H7 N O4'    133.103 
ILE 'L-peptide linking' y ISOLEUCINE         ? 'C6 H13 N O2'   131.173 
PRO 'L-peptide linking' y PROLINE            ? 'C5 H9 N O2'    115.130 
SER 'L-peptide linking' y SERINE             ? 'C3 H7 N O3'    105.093 
TYR 'L-peptide linking' y TYROSINE           ? 'C9 H11 N O3'   181.189 
TYS 'L-peptide linking' n O-SULFO-L-TYROSINE ? 'C9 H11 N O6 S' 261.252 
# 
loop_
_pdbx_poly_seq_scheme.asym_id 
_pdbx_poly_seq_scheme.entity_id 
_pdbx_poly_seq_scheme.seq_id 
_pdbx_poly_seq_scheme.mon_id 
_pdbx_poly_seq_scheme.ndb_seq_num 
_pdbx_poly_seq_scheme.pdb_seq_num 
_pdbx_poly_seq_scheme.auth_seq_num 
_pdbx_poly_seq_scheme.pdb_mon_id 
_pdbx_poly_seq_scheme.auth_mon_id 
_pdbx_poly_seq_scheme.pdb_strand_id 
_pdbx_poly_seq_scheme.pdb_ins_code 
_pdbx_poly_seq_scheme.hetero 
A 1 1 SER 1 7  7  SER SER A . n 
A 1 2 PRO 2 8  8  PRO PRO A . n 
A 1 3 ILE 3 9  9  ILE ILE A . n 
A 1 4 TYS 4 10 10 TYS TYS A . n 
A 1 5 ASP 5 11 11 ASP ASP A . n 
A 1 6 ILE 6 12 12 ILE ILE A . n 
A 1 7 ASN 7 13 13 ASN ASN A . n 
A 1 8 TYS 8 14 14 TYS TYS A . n 
A 1 9 TYR 9 15 15 TYR TYR A . n 
# 
_exptl.absorpt_coefficient_mu     ? 
_exptl.absorpt_correction_T_max   ? 
_exptl.absorpt_correction_T_min   ? 
_exptl.absorpt_correction_type    ? 
_exptl.absorpt_process_details    ? 
_exptl.crystals_number            ? 
_exptl.details                    ? 
_exptl.entry_id                   2RLL 
_exptl.method                     'SOLUTION NMR' 
_exptl.method_details             ? 
# 
_struct.entry_id                  2RLL 
_struct.title                     'CCR5 Nt(7-15)' 
_struct.pdbx_model_details        ? 
_struct.pdbx_CASP_flag            ? 
_struct.pdbx_model_type_details   'minimized average' 
# 
_struct_keywords.entry_id        2RLL 
_struct_keywords.pdbx_keywords   'MEMBRANE PROTEIN' 
_struct_keywords.text            
;HIV-1 coreceptor CCR5 N-terminus bound to gp120:CD4, G-protein coupled receptor, Glycoprotein, Host-virus interaction, Membrane, Polymorphism, Sulfation, Transducer, Transmembrane, MEMBRANE PROTEIN
;
# 
_struct_asym.id                            A 
_struct_asym.pdbx_blank_PDB_chainid_flag   N 
_struct_asym.pdbx_modified                 N 
_struct_asym.entity_id                     1 
_struct_asym.details                       ? 
# 
_struct_ref.id                         1 
_struct_ref.db_name                    UNP 
_struct_ref.db_code                    CCR5_HUMAN 
_struct_ref.pdbx_db_accession          P51681 
_struct_ref.entity_id                  1 
_struct_ref.pdbx_seq_one_letter_code   SPIYDINYY 
_struct_ref.pdbx_align_begin           7 
_struct_ref.pdbx_db_isoform            ? 
# 
_struct_ref_seq.align_id                      1 
_struct_ref_seq.ref_id                        1 
_struct_ref_seq.pdbx_PDB_id_code              2RLL 
_struct_ref_seq.pdbx_strand_id                A 
_struct_ref_seq.seq_align_beg                 1 
_struct_ref_seq.pdbx_seq_align_beg_ins_code   ? 
_struct_ref_seq.seq_align_end                 9 
_struct_ref_seq.pdbx_seq_align_end_ins_code   ? 
_struct_ref_seq.pdbx_db_accession             P51681 
_struct_ref_seq.db_align_beg                  7 
_struct_ref_seq.pdbx_db_align_beg_ins_code    ? 
_struct_ref_seq.db_align_end                  15 
_struct_ref_seq.pdbx_db_align_end_ins_code    ? 
_struct_ref_seq.pdbx_auth_seq_align_beg       7 
_struct_ref_seq.pdbx_auth_seq_align_end       15 
# 
_pdbx_struct_assembly.id                   1 
_pdbx_struct_assembly.details              author_defined_assembly 
_pdbx_struct_assembly.method_details       ? 
_pdbx_struct_assembly.oligomeric_details   monomeric 
_pdbx_struct_assembly.oligomeric_count     1 
# 
_pdbx_struct_assembly_gen.assembly_id       1 
_pdbx_struct_assembly_gen.oper_expression   1 
_pdbx_struct_assembly_gen.asym_id_list      A 
# 
_pdbx_struct_oper_list.id                   1 
_pdbx_struct_oper_list.type                 'identity operation' 
_pdbx_struct_oper_list.name                 1_555 
_pdbx_struct_oper_list.symmetry_operation   x,y,z 
_pdbx_struct_oper_list.matrix[1][1]         1.0000000000 
_pdbx_struct_oper_list.matrix[1][2]         0.0000000000 
_pdbx_struct_oper_list.matrix[1][3]         0.0000000000 
_pdbx_struct_oper_list.vector[1]            0.0000000000 
_pdbx_struct_oper_list.matrix[2][1]         0.0000000000 
_pdbx_struct_oper_list.matrix[2][2]         1.0000000000 
_pdbx_struct_oper_list.matrix[2][3]         0.0000000000 
_pdbx_struct_oper_list.vector[2]            0.0000000000 
_pdbx_struct_oper_list.matrix[3][1]         0.0000000000 
_pdbx_struct_oper_list.matrix[3][2]         0.0000000000 
_pdbx_struct_oper_list.matrix[3][3]         1.0000000000 
_pdbx_struct_oper_list.vector[3]            0.0000000000 
# 
_struct_biol.id        1 
_struct_biol.details   ? 
# 
_struct_conf.conf_type_id            HELX_P 
_struct_conf.id                      HELX_P1 
_struct_conf.pdbx_PDB_helix_id       1 
_struct_conf.beg_label_comp_id       PRO 
_struct_conf.beg_label_asym_id       A 
_struct_conf.beg_label_seq_id        2 
_struct_conf.pdbx_beg_PDB_ins_code   ? 
_struct_conf.end_label_comp_id       TYR 
_struct_conf.end_label_asym_id       A 
_struct_conf.end_label_seq_id        9 
_struct_conf.pdbx_end_PDB_ins_code   ? 
_struct_conf.beg_auth_comp_id        PRO 
_struct_conf.beg_auth_asym_id        A 
_struct_conf.beg_auth_seq_id         8 
_struct_conf.end_auth_comp_id        TYR 
_struct_conf.end_auth_asym_id        A 
_struct_conf.end_auth_seq_id         15 
_struct_conf.pdbx_PDB_helix_class    1 
_struct_conf.details                 ? 
_struct_conf.pdbx_PDB_helix_length   8 
# 
_struct_conf_type.id          HELX_P 
_struct_conf_type.criteria    ? 
_struct_conf_type.reference   ? 
# 
loop_
_struct_conn.id 
_struct_conn.conn_type_id 
_struct_conn.pdbx_leaving_atom_flag 
_struct_conn.pdbx_PDB_id 
_struct_conn.ptnr1_label_asym_id 
_struct_conn.ptnr1_label_comp_id 
_struct_conn.ptnr1_label_seq_id 
_struct_conn.ptnr1_label_atom_id 
_struct_conn.pdbx_ptnr1_label_alt_id 
_struct_conn.pdbx_ptnr1_PDB_ins_code 
_struct_conn.pdbx_ptnr1_standard_comp_id 
_struct_conn.ptnr1_symmetry 
_struct_conn.ptnr2_label_asym_id 
_struct_conn.ptnr2_label_comp_id 
_struct_conn.ptnr2_label_seq_id 
_struct_conn.ptnr2_label_atom_id 
_struct_conn.pdbx_ptnr2_label_alt_id 
_struct_conn.pdbx_ptnr2_PDB_ins_code 
_struct_conn.ptnr1_auth_asym_id 
_struct_conn.ptnr1_auth_comp_id 
_struct_conn.ptnr1_auth_seq_id 
_struct_conn.ptnr2_auth_asym_id 
_struct_conn.ptnr2_auth_comp_id 
_struct_conn.ptnr2_auth_seq_id 
_struct_conn.ptnr2_symmetry 
_struct_conn.pdbx_ptnr3_label_atom_id 
_struct_conn.pdbx_ptnr3_label_seq_id 
_struct_conn.pdbx_ptnr3_label_comp_id 
_struct_conn.pdbx_ptnr3_label_asym_id 
_struct_conn.pdbx_ptnr3_label_alt_id 
_struct_conn.pdbx_ptnr3_PDB_ins_code 
_struct_conn.details 
_struct_conn.pdbx_dist_value 
_struct_conn.pdbx_value_order 
_struct_conn.pdbx_role 
covale1 covale both ? A ILE 3 C ? ? ? 1_555 A TYS 4 N ? ? A ILE 9  A TYS 10 1_555 ? ? ? ? ? ? ? 1.305 ? ? 
covale2 covale both ? A TYS 4 C ? ? ? 1_555 A ASP 5 N ? ? A TYS 10 A ASP 11 1_555 ? ? ? ? ? ? ? 1.305 ? ? 
covale3 covale both ? A ASN 7 C ? ? ? 1_555 A TYS 8 N ? ? A ASN 13 A TYS 14 1_555 ? ? ? ? ? ? ? 1.305 ? ? 
covale4 covale both ? A TYS 8 C ? ? ? 1_555 A TYR 9 N ? ? A TYS 14 A TYR 15 1_555 ? ? ? ? ? ? ? 1.305 ? ? 
# 
_struct_conn_type.id          covale 
_struct_conn_type.criteria    ? 
_struct_conn_type.reference   ? 
# 
loop_
_pdbx_modification_feature.ordinal 
_pdbx_modification_feature.label_comp_id 
_pdbx_modification_feature.label_asym_id 
_pdbx_modification_feature.label_seq_id 
_pdbx_modification_feature.label_alt_id 
_pdbx_modification_feature.modified_residue_label_comp_id 
_pdbx_modification_feature.modified_residue_label_asym_id 
_pdbx_modification_feature.modified_residue_label_seq_id 
_pdbx_modification_feature.modified_residue_label_alt_id 
_pdbx_modification_feature.auth_comp_id 
_pdbx_modification_feature.auth_asym_id 
_pdbx_modification_feature.auth_seq_id 
_pdbx_modification_feature.PDB_ins_code 
_pdbx_modification_feature.symmetry 
_pdbx_modification_feature.modified_residue_auth_comp_id 
_pdbx_modification_feature.modified_residue_auth_asym_id 
_pdbx_modification_feature.modified_residue_auth_seq_id 
_pdbx_modification_feature.modified_residue_PDB_ins_code 
_pdbx_modification_feature.modified_residue_symmetry 
_pdbx_modification_feature.comp_id_linking_atom 
_pdbx_modification_feature.modified_residue_id_linking_atom 
_pdbx_modification_feature.modified_residue_id 
_pdbx_modification_feature.ref_pcm_id 
_pdbx_modification_feature.ref_comp_id 
_pdbx_modification_feature.type 
_pdbx_modification_feature.category 
1 TYS A 4 ? . . . . TYS A 10 ? 1_555 . . . . . . . TYR 1 TYS Sulfation 'Named protein modification' 
2 TYS A 8 ? . . . . TYS A 14 ? 1_555 . . . . . . . TYR 1 TYS Sulfation 'Named protein modification' 
# 
_pdbx_entry_details.entry_id                   2RLL 
_pdbx_entry_details.compound_details           ? 
_pdbx_entry_details.source_details             ? 
_pdbx_entry_details.nonpolymer_details         ? 
_pdbx_entry_details.sequence_details           ? 
_pdbx_entry_details.has_ligand_of_interest     ? 
_pdbx_entry_details.has_protein_modification   Y 
# 
loop_
_pdbx_struct_mod_residue.id 
_pdbx_struct_mod_residue.label_asym_id 
_pdbx_struct_mod_residue.label_comp_id 
_pdbx_struct_mod_residue.label_seq_id 
_pdbx_struct_mod_residue.auth_asym_id 
_pdbx_struct_mod_residue.auth_comp_id 
_pdbx_struct_mod_residue.auth_seq_id 
_pdbx_struct_mod_residue.PDB_ins_code 
_pdbx_struct_mod_residue.parent_comp_id 
_pdbx_struct_mod_residue.details 
1 A TYS 4 A TYS 10 ? TYR O-SULFO-L-TYROSINE 
2 A TYS 8 A TYS 14 ? TYR O-SULFO-L-TYROSINE 
# 
_pdbx_nmr_ensemble.average_constraint_violations_per_residue     ? 
_pdbx_nmr_ensemble.average_constraints_per_residue               ? 
_pdbx_nmr_ensemble.average_distance_constraint_violation         ? 
_pdbx_nmr_ensemble.average_torsion_angle_constraint_violation    ? 
_pdbx_nmr_ensemble.conformer_selection_criteria                  'structures with the least restraint violations' 
_pdbx_nmr_ensemble.conformers_calculated_total_number            30 
_pdbx_nmr_ensemble.conformers_submitted_total_number             1 
_pdbx_nmr_ensemble.distance_constraint_violation_method          ? 
_pdbx_nmr_ensemble.entry_id                                      2RLL 
_pdbx_nmr_ensemble.maximum_distance_constraint_violation         ? 
_pdbx_nmr_ensemble.maximum_lower_distance_constraint_violation   ? 
_pdbx_nmr_ensemble.maximum_torsion_angle_constraint_violation    ? 
_pdbx_nmr_ensemble.maximum_upper_distance_constraint_violation   ? 
_pdbx_nmr_ensemble.torsion_angle_constraint_violation_method     ? 
# 
_pdbx_nmr_representative.conformer_id         1 
_pdbx_nmr_representative.entry_id             2RLL 
_pdbx_nmr_representative.selection_criteria   'minimized average structure' 
# 
_pdbx_nmr_sample_details.contents         '800uM protein; 90% H2O, 10% D2O' 
_pdbx_nmr_sample_details.solution_id      1 
_pdbx_nmr_sample_details.solvent_system   '90% H2O/10% D2O' 
# 
_pdbx_nmr_exptl_sample.component             protein 
_pdbx_nmr_exptl_sample.concentration         800 
_pdbx_nmr_exptl_sample.concentration_units   uM 
_pdbx_nmr_exptl_sample.isotopic_labeling     ? 
_pdbx_nmr_exptl_sample.solution_id           1 
# 
_pdbx_nmr_exptl_sample_conditions.conditions_id       1 
_pdbx_nmr_exptl_sample_conditions.ionic_strength      '50mM NaCl' 
_pdbx_nmr_exptl_sample_conditions.pH                  6.8 
_pdbx_nmr_exptl_sample_conditions.pressure            ambient 
_pdbx_nmr_exptl_sample_conditions.pressure_units      ? 
_pdbx_nmr_exptl_sample_conditions.temperature         300 
_pdbx_nmr_exptl_sample_conditions.temperature_units   K 
# 
loop_
_pdbx_nmr_exptl.conditions_id 
_pdbx_nmr_exptl.experiment_id 
_pdbx_nmr_exptl.solution_id 
_pdbx_nmr_exptl.type 
1 1 1 '2D 1H-13C HSQC' 
1 2 1 '2D 1H-1H TOCSY' 
1 3 1 '2D 1H-1H NOESY' 
1 4 1 '2D 1H-1H COSY'  
# 
_pdbx_nmr_refine.entry_id           2RLL 
_pdbx_nmr_refine.method             'torsion angle dynamics' 
_pdbx_nmr_refine.details            ? 
_pdbx_nmr_refine.software_ordinal   1 
# 
loop_
_pdbx_nmr_software.authors 
_pdbx_nmr_software.classification 
_pdbx_nmr_software.name 
_pdbx_nmr_software.version 
_pdbx_nmr_software.ordinal 
'Schwieters, Kuszewski, Tjandra and Clore' 'structure solution' 'X-PLOR NIH' ? 1 
'Schwieters, Kuszewski, Tjandra and Clore' refinement           'X-PLOR NIH' ? 2 
# 
loop_
_chem_comp_atom.comp_id 
_chem_comp_atom.atom_id 
_chem_comp_atom.type_symbol 
_chem_comp_atom.pdbx_aromatic_flag 
_chem_comp_atom.pdbx_stereo_config 
_chem_comp_atom.pdbx_ordinal 
ASN N    N N N 1   
ASN CA   C N S 2   
ASN C    C N N 3   
ASN O    O N N 4   
ASN CB   C N N 5   
ASN CG   C N N 6   
ASN OD1  O N N 7   
ASN ND2  N N N 8   
ASN OXT  O N N 9   
ASN H    H N N 10  
ASN H2   H N N 11  
ASN HA   H N N 12  
ASN HB2  H N N 13  
ASN HB3  H N N 14  
ASN HD21 H N N 15  
ASN HD22 H N N 16  
ASN HXT  H N N 17  
ASP N    N N N 18  
ASP CA   C N S 19  
ASP C    C N N 20  
ASP O    O N N 21  
ASP CB   C N N 22  
ASP CG   C N N 23  
ASP OD1  O N N 24  
ASP OD2  O N N 25  
ASP OXT  O N N 26  
ASP H    H N N 27  
ASP H2   H N N 28  
ASP HA   H N N 29  
ASP HB2  H N N 30  
ASP HB3  H N N 31  
ASP HD2  H N N 32  
ASP HXT  H N N 33  
ILE N    N N N 34  
ILE CA   C N S 35  
ILE C    C N N 36  
ILE O    O N N 37  
ILE CB   C N S 38  
ILE CG1  C N N 39  
ILE CG2  C N N 40  
ILE CD1  C N N 41  
ILE OXT  O N N 42  
ILE H    H N N 43  
ILE H2   H N N 44  
ILE HA   H N N 45  
ILE HB   H N N 46  
ILE HG12 H N N 47  
ILE HG13 H N N 48  
ILE HG21 H N N 49  
ILE HG22 H N N 50  
ILE HG23 H N N 51  
ILE HD11 H N N 52  
ILE HD12 H N N 53  
ILE HD13 H N N 54  
ILE HXT  H N N 55  
PRO N    N N N 56  
PRO CA   C N S 57  
PRO C    C N N 58  
PRO O    O N N 59  
PRO CB   C N N 60  
PRO CG   C N N 61  
PRO CD   C N N 62  
PRO OXT  O N N 63  
PRO H    H N N 64  
PRO HA   H N N 65  
PRO HB2  H N N 66  
PRO HB3  H N N 67  
PRO HG2  H N N 68  
PRO HG3  H N N 69  
PRO HD2  H N N 70  
PRO HD3  H N N 71  
PRO HXT  H N N 72  
SER N    N N N 73  
SER CA   C N S 74  
SER C    C N N 75  
SER O    O N N 76  
SER CB   C N N 77  
SER OG   O N N 78  
SER OXT  O N N 79  
SER H    H N N 80  
SER H2   H N N 81  
SER HA   H N N 82  
SER HB2  H N N 83  
SER HB3  H N N 84  
SER HG   H N N 85  
SER HXT  H N N 86  
TYR N    N N N 87  
TYR CA   C N S 88  
TYR C    C N N 89  
TYR O    O N N 90  
TYR CB   C N N 91  
TYR CG   C Y N 92  
TYR CD1  C Y N 93  
TYR CD2  C Y N 94  
TYR CE1  C Y N 95  
TYR CE2  C Y N 96  
TYR CZ   C Y N 97  
TYR OH   O N N 98  
TYR OXT  O N N 99  
TYR H    H N N 100 
TYR H2   H N N 101 
TYR HA   H N N 102 
TYR HB2  H N N 103 
TYR HB3  H N N 104 
TYR HD1  H N N 105 
TYR HD2  H N N 106 
TYR HE1  H N N 107 
TYR HE2  H N N 108 
TYR HH   H N N 109 
TYR HXT  H N N 110 
TYS N    N N N 111 
TYS CA   C N S 112 
TYS CB   C N N 113 
TYS CG   C Y N 114 
TYS CD1  C Y N 115 
TYS CD2  C Y N 116 
TYS CE1  C Y N 117 
TYS CE2  C Y N 118 
TYS CZ   C Y N 119 
TYS OH   O N N 120 
TYS S    S N N 121 
TYS O1   O N N 122 
TYS O2   O N N 123 
TYS O3   O N N 124 
TYS C    C N N 125 
TYS O    O N N 126 
TYS OXT  O N N 127 
TYS H    H N N 128 
TYS H2   H N N 129 
TYS HA   H N N 130 
TYS HB2  H N N 131 
TYS HB3  H N N 132 
TYS HD1  H N N 133 
TYS HD2  H N N 134 
TYS HE1  H N N 135 
TYS HE2  H N N 136 
TYS HO3  H N N 137 
TYS HXT  H N N 138 
# 
loop_
_chem_comp_bond.comp_id 
_chem_comp_bond.atom_id_1 
_chem_comp_bond.atom_id_2 
_chem_comp_bond.value_order 
_chem_comp_bond.pdbx_aromatic_flag 
_chem_comp_bond.pdbx_stereo_config 
_chem_comp_bond.pdbx_ordinal 
ASN N   CA   sing N N 1   
ASN N   H    sing N N 2   
ASN N   H2   sing N N 3   
ASN CA  C    sing N N 4   
ASN CA  CB   sing N N 5   
ASN CA  HA   sing N N 6   
ASN C   O    doub N N 7   
ASN C   OXT  sing N N 8   
ASN CB  CG   sing N N 9   
ASN CB  HB2  sing N N 10  
ASN CB  HB3  sing N N 11  
ASN CG  OD1  doub N N 12  
ASN CG  ND2  sing N N 13  
ASN ND2 HD21 sing N N 14  
ASN ND2 HD22 sing N N 15  
ASN OXT HXT  sing N N 16  
ASP N   CA   sing N N 17  
ASP N   H    sing N N 18  
ASP N   H2   sing N N 19  
ASP CA  C    sing N N 20  
ASP CA  CB   sing N N 21  
ASP CA  HA   sing N N 22  
ASP C   O    doub N N 23  
ASP C   OXT  sing N N 24  
ASP CB  CG   sing N N 25  
ASP CB  HB2  sing N N 26  
ASP CB  HB3  sing N N 27  
ASP CG  OD1  doub N N 28  
ASP CG  OD2  sing N N 29  
ASP OD2 HD2  sing N N 30  
ASP OXT HXT  sing N N 31  
ILE N   CA   sing N N 32  
ILE N   H    sing N N 33  
ILE N   H2   sing N N 34  
ILE CA  C    sing N N 35  
ILE CA  CB   sing N N 36  
ILE CA  HA   sing N N 37  
ILE C   O    doub N N 38  
ILE C   OXT  sing N N 39  
ILE CB  CG1  sing N N 40  
ILE CB  CG2  sing N N 41  
ILE CB  HB   sing N N 42  
ILE CG1 CD1  sing N N 43  
ILE CG1 HG12 sing N N 44  
ILE CG1 HG13 sing N N 45  
ILE CG2 HG21 sing N N 46  
ILE CG2 HG22 sing N N 47  
ILE CG2 HG23 sing N N 48  
ILE CD1 HD11 sing N N 49  
ILE CD1 HD12 sing N N 50  
ILE CD1 HD13 sing N N 51  
ILE OXT HXT  sing N N 52  
PRO N   CA   sing N N 53  
PRO N   CD   sing N N 54  
PRO N   H    sing N N 55  
PRO CA  C    sing N N 56  
PRO CA  CB   sing N N 57  
PRO CA  HA   sing N N 58  
PRO C   O    doub N N 59  
PRO C   OXT  sing N N 60  
PRO CB  CG   sing N N 61  
PRO CB  HB2  sing N N 62  
PRO CB  HB3  sing N N 63  
PRO CG  CD   sing N N 64  
PRO CG  HG2  sing N N 65  
PRO CG  HG3  sing N N 66  
PRO CD  HD2  sing N N 67  
PRO CD  HD3  sing N N 68  
PRO OXT HXT  sing N N 69  
SER N   CA   sing N N 70  
SER N   H    sing N N 71  
SER N   H2   sing N N 72  
SER CA  C    sing N N 73  
SER CA  CB   sing N N 74  
SER CA  HA   sing N N 75  
SER C   O    doub N N 76  
SER C   OXT  sing N N 77  
SER CB  OG   sing N N 78  
SER CB  HB2  sing N N 79  
SER CB  HB3  sing N N 80  
SER OG  HG   sing N N 81  
SER OXT HXT  sing N N 82  
TYR N   CA   sing N N 83  
TYR N   H    sing N N 84  
TYR N   H2   sing N N 85  
TYR CA  C    sing N N 86  
TYR CA  CB   sing N N 87  
TYR CA  HA   sing N N 88  
TYR C   O    doub N N 89  
TYR C   OXT  sing N N 90  
TYR CB  CG   sing N N 91  
TYR CB  HB2  sing N N 92  
TYR CB  HB3  sing N N 93  
TYR CG  CD1  doub Y N 94  
TYR CG  CD2  sing Y N 95  
TYR CD1 CE1  sing Y N 96  
TYR CD1 HD1  sing N N 97  
TYR CD2 CE2  doub Y N 98  
TYR CD2 HD2  sing N N 99  
TYR CE1 CZ   doub Y N 100 
TYR CE1 HE1  sing N N 101 
TYR CE2 CZ   sing Y N 102 
TYR CE2 HE2  sing N N 103 
TYR CZ  OH   sing N N 104 
TYR OH  HH   sing N N 105 
TYR OXT HXT  sing N N 106 
TYS N   CA   sing N N 107 
TYS N   H    sing N N 108 
TYS N   H2   sing N N 109 
TYS CA  CB   sing N N 110 
TYS CA  C    sing N N 111 
TYS CA  HA   sing N N 112 
TYS CB  CG   sing N N 113 
TYS CB  HB2  sing N N 114 
TYS CB  HB3  sing N N 115 
TYS CG  CD1  doub Y N 116 
TYS CG  CD2  sing Y N 117 
TYS CD1 CE1  sing Y N 118 
TYS CD1 HD1  sing N N 119 
TYS CD2 CE2  doub Y N 120 
TYS CD2 HD2  sing N N 121 
TYS CE1 CZ   doub Y N 122 
TYS CE1 HE1  sing N N 123 
TYS CE2 CZ   sing Y N 124 
TYS CE2 HE2  sing N N 125 
TYS CZ  OH   sing N N 126 
TYS OH  S    sing N N 127 
TYS S   O1   doub N N 128 
TYS S   O2   doub N N 129 
TYS S   O3   sing N N 130 
TYS O3  HO3  sing N N 131 
TYS C   O    doub N N 132 
TYS C   OXT  sing N N 133 
TYS OXT HXT  sing N N 134 
# 
loop_
_pdbx_nmr_spectrometer.field_strength 
_pdbx_nmr_spectrometer.manufacturer 
_pdbx_nmr_spectrometer.model 
_pdbx_nmr_spectrometer.spectrometer_id 
_pdbx_nmr_spectrometer.type 
500 Bruker AVANCE 1 'Bruker Avance' 
600 Bruker AVANCE 2 'Bruker Avance' 
# 
_atom_sites.entry_id                    2RLL 
_atom_sites.fract_transf_matrix[1][1]   1.000000 
_atom_sites.fract_transf_matrix[1][2]   0.000000 
_atom_sites.fract_transf_matrix[1][3]   0.000000 
_atom_sites.fract_transf_matrix[2][1]   0.000000 
_atom_sites.fract_transf_matrix[2][2]   1.000000 
_atom_sites.fract_transf_matrix[2][3]   0.000000 
_atom_sites.fract_transf_matrix[3][1]   0.000000 
_atom_sites.fract_transf_matrix[3][2]   0.000000 
_atom_sites.fract_transf_matrix[3][3]   1.000000 
_atom_sites.fract_transf_vector[1]      0.00000 
_atom_sites.fract_transf_vector[2]      0.00000 
_atom_sites.fract_transf_vector[3]      0.00000 
# 
loop_
_atom_type.symbol 
C 
H 
N 
O 
S 
# 
loop_
_atom_site.group_PDB 
_atom_site.id 
_atom_site.type_symbol 
_atom_site.label_atom_id 
_atom_site.label_alt_id 
_atom_site.label_comp_id 
_atom_site.label_asym_id 
_atom_site.label_entity_id 
_atom_site.label_seq_id 
_atom_site.pdbx_PDB_ins_code 
_atom_site.Cartn_x 
_atom_site.Cartn_y 
_atom_site.Cartn_z 
_atom_site.occupancy 
_atom_site.B_iso_or_equiv 
_atom_site.pdbx_formal_charge 
_atom_site.auth_seq_id 
_atom_site.auth_comp_id 
_atom_site.auth_asym_id 
_atom_site.auth_atom_id 
_atom_site.pdbx_PDB_model_num 
ATOM   1   N N    . SER A 1 1 ? 4.981   -4.322 -4.660 1.00 3.79 ? 7  SER A N    1 
ATOM   2   C CA   . SER A 1 1 ? 4.139   -5.540 -4.827 1.00 3.23 ? 7  SER A CA   1 
ATOM   3   C C    . SER A 1 1 ? 2.840   -5.397 -4.017 1.00 2.13 ? 7  SER A C    1 
ATOM   4   O O    . SER A 1 1 ? 1.787   -5.816 -4.455 1.00 2.40 ? 7  SER A O    1 
ATOM   5   C CB   . SER A 1 1 ? 4.926   -6.775 -4.354 1.00 3.73 ? 7  SER A CB   1 
ATOM   6   O OG   . SER A 1 1 ? 6.106   -6.350 -3.685 1.00 4.16 ? 7  SER A OG   1 
ATOM   7   H H1   . SER A 1 1 ? 4.372   -3.506 -4.453 1.00 4.23 ? 7  SER A H1   1 
ATOM   8   H H2   . SER A 1 1 ? 5.512   -4.146 -5.537 1.00 3.98 ? 7  SER A H2   1 
ATOM   9   H H3   . SER A 1 1 ? 5.645   -4.465 -3.874 1.00 4.07 ? 7  SER A H3   1 
ATOM   10  H HA   . SER A 1 1 ? 3.891   -5.654 -5.873 1.00 3.72 ? 7  SER A HA   1 
ATOM   11  H HB2  . SER A 1 1 ? 4.327   -7.360 -3.675 1.00 3.86 ? 7  SER A HB2  1 
ATOM   12  H HB3  . SER A 1 1 ? 5.188   -7.384 -5.210 1.00 4.17 ? 7  SER A HB3  1 
ATOM   13  H HG   . SER A 1 1 ? 6.506   -5.649 -4.206 1.00 4.37 ? 7  SER A HG   1 
ATOM   14  N N    . PRO A 1 2 ? 2.909   -4.820 -2.842 1.00 1.47 ? 8  PRO A N    1 
ATOM   15  C CA   . PRO A 1 2 ? 1.721   -4.637 -1.970 1.00 1.06 ? 8  PRO A CA   1 
ATOM   16  C C    . PRO A 1 2 ? 0.965   -3.339 -2.272 1.00 0.74 ? 8  PRO A C    1 
ATOM   17  O O    . PRO A 1 2 ? 1.276   -2.289 -1.744 1.00 0.71 ? 8  PRO A O    1 
ATOM   18  C CB   . PRO A 1 2 ? 2.325   -4.599 -0.567 1.00 2.07 ? 8  PRO A CB   1 
ATOM   19  C CG   . PRO A 1 2 ? 3.720   -4.071 -0.738 1.00 2.54 ? 8  PRO A CG   1 
ATOM   20  C CD   . PRO A 1 2 ? 4.120   -4.277 -2.209 1.00 2.27 ? 8  PRO A CD   1 
ATOM   21  H HA   . PRO A 1 2 ? 1.061   -5.484 -2.053 1.00 1.46 ? 8  PRO A HA   1 
ATOM   22  H HB2  . PRO A 1 2 ? 1.747   -3.940 0.070  1.00 2.53 ? 8  PRO A HB2  1 
ATOM   23  H HB3  . PRO A 1 2 ? 2.355   -5.591 -0.147 1.00 2.55 ? 8  PRO A HB3  1 
ATOM   24  H HG2  . PRO A 1 2 ? 3.748   -3.017 -0.492 1.00 3.25 ? 8  PRO A HG2  1 
ATOM   25  H HG3  . PRO A 1 2 ? 4.401   -4.614 -0.100 1.00 2.92 ? 8  PRO A HG3  1 
ATOM   26  H HD2  . PRO A 1 2 ? 4.392   -3.330 -2.656 1.00 3.00 ? 8  PRO A HD2  1 
ATOM   27  H HD3  . PRO A 1 2 ? 4.931   -4.983 -2.287 1.00 2.42 ? 8  PRO A HD3  1 
ATOM   28  N N    . ILE A 1 3 ? -0.028  -3.406 -3.116 1.00 0.68 ? 9  ILE A N    1 
ATOM   29  C CA   . ILE A 1 3 ? -0.810  -2.182 -3.452 1.00 0.65 ? 9  ILE A CA   1 
ATOM   30  C C    . ILE A 1 3 ? -1.491  -1.651 -2.188 1.00 0.43 ? 9  ILE A C    1 
ATOM   31  O O    . ILE A 1 3 ? -1.737  -0.469 -2.053 1.00 0.53 ? 9  ILE A O    1 
ATOM   32  C CB   . ILE A 1 3 ? -1.871  -2.524 -4.499 1.00 0.90 ? 9  ILE A CB   1 
ATOM   33  C CG1  . ILE A 1 3 ? -1.183  -3.029 -5.771 1.00 1.16 ? 9  ILE A CG1  1 
ATOM   34  C CG2  . ILE A 1 3 ? -2.687  -1.272 -4.823 1.00 1.12 ? 9  ILE A CG2  1 
ATOM   35  C CD1  . ILE A 1 3 ? -2.235  -3.553 -6.752 1.00 1.43 ? 9  ILE A CD1  1 
ATOM   36  H H    . ILE A 1 3 ? -0.264  -4.263 -3.527 1.00 0.83 ? 9  ILE A H    1 
ATOM   37  H HA   . ILE A 1 3 ? -0.145  -1.428 -3.846 1.00 0.81 ? 9  ILE A HA   1 
ATOM   38  H HB   . ILE A 1 3 ? -2.525  -3.291 -4.111 1.00 0.90 ? 9  ILE A HB   1 
ATOM   39  H HG12 . ILE A 1 3 ? -0.636  -2.218 -6.230 1.00 1.30 ? 9  ILE A HG12 1 
ATOM   40  H HG13 . ILE A 1 3 ? -0.500  -3.825 -5.519 1.00 1.12 ? 9  ILE A HG13 1 
ATOM   41  H HG21 . ILE A 1 3 ? -3.162  -1.389 -5.785 1.00 1.50 ? 9  ILE A HG21 1 
ATOM   42  H HG22 . ILE A 1 3 ? -2.034  -0.413 -4.846 1.00 1.56 ? 9  ILE A HG22 1 
ATOM   43  H HG23 . ILE A 1 3 ? -3.444  -1.129 -4.065 1.00 1.59 ? 9  ILE A HG23 1 
ATOM   44  H HD11 . ILE A 1 3 ? -1.838  -3.523 -7.755 1.00 1.84 ? 9  ILE A HD11 1 
ATOM   45  H HD12 . ILE A 1 3 ? -3.119  -2.936 -6.696 1.00 1.84 ? 9  ILE A HD12 1 
ATOM   46  H HD13 . ILE A 1 3 ? -2.489  -4.571 -6.496 1.00 1.76 ? 9  ILE A HD13 1 
HETATM 47  N N    . TYS A 1 4 ? -1.799  -2.517 -1.262 1.00 0.31 ? 10 TYS A N    1 
HETATM 48  C CA   . TYS A 1 4 ? -2.467  -2.066 -0.008 1.00 0.43 ? 10 TYS A CA   1 
HETATM 49  C CB   . TYS A 1 4 ? -2.796  -3.288 0.860  1.00 0.65 ? 10 TYS A CB   1 
HETATM 50  C CG   . TYS A 1 4 ? -4.159  -3.830 0.494  1.00 0.88 ? 10 TYS A CG   1 
HETATM 51  C CD1  . TYS A 1 4 ? -4.592  -3.801 -0.837 1.00 1.66 ? 10 TYS A CD1  1 
HETATM 52  C CD2  . TYS A 1 4 ? -4.986  -4.366 1.488  1.00 1.47 ? 10 TYS A CD2  1 
HETATM 53  C CE1  . TYS A 1 4 ? -5.854  -4.308 -1.173 1.00 1.89 ? 10 TYS A CE1  1 
HETATM 54  C CE2  . TYS A 1 4 ? -6.247  -4.873 1.153  1.00 1.62 ? 10 TYS A CE2  1 
HETATM 55  C CZ   . TYS A 1 4 ? -6.681  -4.844 -0.178 1.00 1.43 ? 10 TYS A CZ   1 
HETATM 56  O OH   . TYS A 1 4 ? -7.924  -5.345 -0.510 1.00 1.72 ? 10 TYS A OH   1 
HETATM 57  S S    . TYS A 1 4 ? -9.171  -4.241 0.270  1.00 2.22 ? 10 TYS A S    1 
HETATM 58  O O1   . TYS A 1 4 ? -8.802  -4.039 1.676  1.00 2.94 ? 10 TYS A O1   1 
HETATM 59  O O2   . TYS A 1 4 ? -10.506 -4.860 0.190  1.00 2.57 ? 10 TYS A O2   1 
HETATM 60  O O3   . TYS A 1 4 ? -9.196  -2.945 -0.430 1.00 2.79 ? 10 TYS A O3   1 
HETATM 61  C C    . TYS A 1 4 ? -1.525  -1.134 0.761  1.00 0.35 ? 10 TYS A C    1 
HETATM 62  O O    . TYS A 1 4 ? -1.956  -0.246 1.469  1.00 0.46 ? 10 TYS A O    1 
HETATM 63  H H2   . TYS A 1 4 ? -1.593  -3.467 -1.392 1.00 0.37 ? 10 TYS A H2   1 
HETATM 64  H HA   . TYS A 1 4 ? -3.378  -1.539 -0.252 1.00 0.60 ? 10 TYS A HA   1 
HETATM 65  H HB2  . TYS A 1 4 ? -2.051  -4.052 0.698  1.00 0.64 ? 10 TYS A HB2  1 
HETATM 66  H HB3  . TYS A 1 4 ? -2.794  -3.003 1.902  1.00 0.80 ? 10 TYS A HB3  1 
HETATM 67  H HD1  . TYS A 1 4 ? -3.955  -3.387 -1.604 1.00 2.40 ? 10 TYS A HD1  1 
HETATM 68  H HD2  . TYS A 1 4 ? -4.650  -4.389 2.514  1.00 2.23 ? 10 TYS A HD2  1 
HETATM 69  H HE1  . TYS A 1 4 ? -6.188  -4.286 -2.200 1.00 2.73 ? 10 TYS A HE1  1 
HETATM 70  H HE2  . TYS A 1 4 ? -6.884  -5.285 1.920  1.00 2.35 ? 10 TYS A HE2  1 
ATOM   71  N N    . ASP A 1 5 ? -0.243  -1.332 0.628  1.00 0.31 ? 11 ASP A N    1 
ATOM   72  C CA   . ASP A 1 5 ? 0.727   -0.460 1.351  1.00 0.35 ? 11 ASP A CA   1 
ATOM   73  C C    . ASP A 1 5 ? 0.445   1.006  1.018  1.00 0.32 ? 11 ASP A C    1 
ATOM   74  O O    . ASP A 1 5 ? 0.592   1.881  1.849  1.00 0.31 ? 11 ASP A O    1 
ATOM   75  C CB   . ASP A 1 5 ? 2.152   -0.814 0.919  1.00 0.41 ? 11 ASP A CB   1 
ATOM   76  C CG   . ASP A 1 5 ? 3.154   -0.083 1.815  1.00 0.59 ? 11 ASP A CG   1 
ATOM   77  O OD1  . ASP A 1 5 ? 2.718   0.553  2.761  1.00 1.29 ? 11 ASP A OD1  1 
ATOM   78  O OD2  . ASP A 1 5 ? 4.339   -0.171 1.539  1.00 1.20 ? 11 ASP A OD2  1 
ATOM   79  H H    . ASP A 1 5 ? 0.084   -2.055 0.053  1.00 0.37 ? 11 ASP A H    1 
ATOM   80  H HA   . ASP A 1 5 ? 0.624   -0.613 2.414  1.00 0.44 ? 11 ASP A HA   1 
ATOM   81  H HB2  . ASP A 1 5 ? 2.299   -1.881 1.008  1.00 0.44 ? 11 ASP A HB2  1 
ATOM   82  H HB3  . ASP A 1 5 ? 2.302   -0.514 -0.106 1.00 0.41 ? 11 ASP A HB3  1 
ATOM   83  N N    . ILE A 1 6 ? 0.045   1.286  -0.193 1.00 0.36 ? 12 ILE A N    1 
ATOM   84  C CA   . ILE A 1 6 ? -0.240  2.697  -0.575 1.00 0.37 ? 12 ILE A CA   1 
ATOM   85  C C    . ILE A 1 6 ? -1.255  3.301  0.397  1.00 0.30 ? 12 ILE A C    1 
ATOM   86  O O    . ILE A 1 6 ? -1.126  4.434  0.819  1.00 0.29 ? 12 ILE A O    1 
ATOM   87  C CB   . ILE A 1 6 ? -0.811  2.737  -1.994 1.00 0.49 ? 12 ILE A CB   1 
ATOM   88  C CG1  . ILE A 1 6 ? 0.220   2.172  -2.975 1.00 0.62 ? 12 ILE A CG1  1 
ATOM   89  C CG2  . ILE A 1 6 ? -1.136  4.183  -2.372 1.00 0.50 ? 12 ILE A CG2  1 
ATOM   90  C CD1  . ILE A 1 6 ? -0.407  2.056  -4.365 1.00 0.75 ? 12 ILE A CD1  1 
ATOM   91  H H    . ILE A 1 6 ? -0.065  0.568  -0.851 1.00 0.43 ? 12 ILE A H    1 
ATOM   92  H HA   . ILE A 1 6 ? 0.675   3.271  -0.542 1.00 0.36 ? 12 ILE A HA   1 
ATOM   93  H HB   . ILE A 1 6 ? -1.714  2.144  -2.035 1.00 0.54 ? 12 ILE A HB   1 
ATOM   94  H HG12 . ILE A 1 6 ? 1.074   2.831  -3.017 1.00 0.63 ? 12 ILE A HG12 1 
ATOM   95  H HG13 . ILE A 1 6 ? 0.536   1.194  -2.642 1.00 0.64 ? 12 ILE A HG13 1 
ATOM   96  H HG21 . ILE A 1 6 ? -2.027  4.500  -1.850 1.00 1.09 ? 12 ILE A HG21 1 
ATOM   97  H HG22 . ILE A 1 6 ? -1.302  4.249  -3.437 1.00 1.19 ? 12 ILE A HG22 1 
ATOM   98  H HG23 . ILE A 1 6 ? -0.311  4.822  -2.096 1.00 1.14 ? 12 ILE A HG23 1 
ATOM   99  H HD11 . ILE A 1 6 ? -1.430  1.723  -4.273 1.00 1.15 ? 12 ILE A HD11 1 
ATOM   100 H HD12 . ILE A 1 6 ? 0.153   1.343  -4.954 1.00 1.36 ? 12 ILE A HD12 1 
ATOM   101 H HD13 . ILE A 1 6 ? -0.385  3.020  -4.852 1.00 1.30 ? 12 ILE A HD13 1 
ATOM   102 N N    . ASN A 1 7 ? -2.266  2.559  0.758  1.00 0.40 ? 13 ASN A N    1 
ATOM   103 C CA   . ASN A 1 7 ? -3.284  3.102  1.702  1.00 0.42 ? 13 ASN A CA   1 
ATOM   104 C C    . ASN A 1 7 ? -2.594  3.555  2.990  1.00 0.31 ? 13 ASN A C    1 
ATOM   105 O O    . ASN A 1 7 ? -2.907  4.590  3.543  1.00 0.36 ? 13 ASN A O    1 
ATOM   106 C CB   . ASN A 1 7 ? -4.309  2.014  2.028  1.00 0.65 ? 13 ASN A CB   1 
ATOM   107 C CG   . ASN A 1 7 ? -5.506  2.640  2.748  1.00 0.78 ? 13 ASN A CG   1 
ATOM   108 O OD1  . ASN A 1 7 ? -5.601  3.845  2.856  1.00 1.26 ? 13 ASN A OD1  1 
ATOM   109 N ND2  . ASN A 1 7 ? -6.429  1.864  3.247  1.00 1.23 ? 13 ASN A ND2  1 
ATOM   110 H H    . ASN A 1 7 ? -2.357  1.648  0.407  1.00 0.51 ? 13 ASN A H    1 
ATOM   111 H HA   . ASN A 1 7 ? -3.784  3.944  1.247  1.00 0.47 ? 13 ASN A HA   1 
ATOM   112 H HB2  . ASN A 1 7 ? -4.643  1.547  1.112  1.00 0.80 ? 13 ASN A HB2  1 
ATOM   113 H HB3  . ASN A 1 7 ? -3.856  1.272  2.667  1.00 0.67 ? 13 ASN A HB3  1 
ATOM   114 H HD21 . ASN A 1 7 ? -6.353  0.892  3.160  1.00 1.79 ? 13 ASN A HD21 1 
ATOM   115 H HD22 . ASN A 1 7 ? -7.200  2.256  3.709  1.00 1.32 ? 13 ASN A HD22 1 
HETATM 116 N N    . TYS A 1 8 ? -1.653  2.789  3.471  1.00 0.40 ? 14 TYS A N    1 
HETATM 117 C CA   . TYS A 1 8 ? -0.941  3.178  4.721  1.00 0.54 ? 14 TYS A CA   1 
HETATM 118 C CB   . TYS A 1 8 ? 0.059   2.087  5.103  1.00 0.78 ? 14 TYS A CB   1 
HETATM 119 C CG   . TYS A 1 8 ? 0.706   2.438  6.422  1.00 0.95 ? 14 TYS A CG   1 
HETATM 120 C CD1  . TYS A 1 8 ? 1.926   3.122  6.444  1.00 1.62 ? 14 TYS A CD1  1 
HETATM 121 C CD2  . TYS A 1 8 ? 0.082   2.081  7.624  1.00 1.65 ? 14 TYS A CD2  1 
HETATM 122 C CE1  . TYS A 1 8 ? 2.525   3.449  7.667  1.00 1.89 ? 14 TYS A CE1  1 
HETATM 123 C CE2  . TYS A 1 8 ? 0.680   2.406  8.847  1.00 1.97 ? 14 TYS A CE2  1 
HETATM 124 C CZ   . TYS A 1 8 ? 1.902   3.091  8.868  1.00 1.72 ? 14 TYS A CZ   1 
HETATM 125 O OH   . TYS A 1 8 ? 2.491   3.413  10.073 1.00 2.18 ? 14 TYS A OH   1 
HETATM 126 S S    . TYS A 1 8 ? 4.057   2.455  10.173 1.00 2.85 ? 14 TYS A S    1 
HETATM 127 O O1   . TYS A 1 8 ? 3.942   1.281  9.298  1.00 3.45 ? 14 TYS A O1   1 
HETATM 128 O O2   . TYS A 1 8 ? 4.290   2.020  11.561 1.00 3.24 ? 14 TYS A O2   1 
HETATM 129 O O3   . TYS A 1 8 ? 5.185   3.295  9.730  1.00 3.44 ? 14 TYS A O3   1 
HETATM 130 C C    . TYS A 1 8 ? -0.197  4.495  4.491  1.00 0.53 ? 14 TYS A C    1 
HETATM 131 O O    . TYS A 1 8 ? -0.167  5.361  5.343  1.00 0.65 ? 14 TYS A O    1 
HETATM 132 H H2   . TYS A 1 8 ? -1.413  1.958  3.010  1.00 0.49 ? 14 TYS A H2   1 
HETATM 133 H HA   . TYS A 1 8 ? -1.658  3.305  5.519  1.00 0.63 ? 14 TYS A HA   1 
HETATM 134 H HB2  . TYS A 1 8 ? -0.455  1.142  5.194  1.00 0.95 ? 14 TYS A HB2  1 
HETATM 135 H HB3  . TYS A 1 8 ? 0.820   2.011  4.340  1.00 0.99 ? 14 TYS A HB3  1 
HETATM 136 H HD1  . TYS A 1 8 ? 2.407   3.399  5.517  1.00 2.34 ? 14 TYS A HD1  1 
HETATM 137 H HD2  . TYS A 1 8 ? -0.859  1.552  7.607  1.00 2.35 ? 14 TYS A HD2  1 
HETATM 138 H HE1  . TYS A 1 8 ? 3.467   3.977  7.683  1.00 2.65 ? 14 TYS A HE1  1 
HETATM 139 H HE2  . TYS A 1 8 ? 0.200   2.131  9.774  1.00 2.77 ? 14 TYS A HE2  1 
ATOM   140 N N    . TYR A 1 9 ? 0.409   4.651  3.345  1.00 0.58 ? 15 TYR A N    1 
ATOM   141 C CA   . TYR A 1 9 ? 1.155   5.908  3.059  1.00 0.81 ? 15 TYR A CA   1 
ATOM   142 C C    . TYR A 1 9 ? 0.253   7.112  3.338  1.00 0.93 ? 15 TYR A C    1 
ATOM   143 O O    . TYR A 1 9 ? -0.888  7.085  2.908  1.00 1.62 ? 15 TYR A O    1 
ATOM   144 C CB   . TYR A 1 9 ? 1.583   5.920  1.589  1.00 0.99 ? 15 TYR A CB   1 
ATOM   145 C CG   . TYR A 1 9 ? 2.485   7.103  1.336  1.00 0.91 ? 15 TYR A CG   1 
ATOM   146 C CD1  . TYR A 1 9 ? 3.860   7.000  1.577  1.00 1.51 ? 15 TYR A CD1  1 
ATOM   147 C CD2  . TYR A 1 9 ? 1.947   8.305  0.858  1.00 1.21 ? 15 TYR A CD2  1 
ATOM   148 C CE1  . TYR A 1 9 ? 4.697   8.097  1.340  1.00 2.00 ? 15 TYR A CE1  1 
ATOM   149 C CE2  . TYR A 1 9 ? 2.784   9.401  0.622  1.00 1.72 ? 15 TYR A CE2  1 
ATOM   150 C CZ   . TYR A 1 9 ? 4.159   9.298  0.863  1.00 2.01 ? 15 TYR A CZ   1 
ATOM   151 O OH   . TYR A 1 9 ? 4.984   10.378 0.631  1.00 2.70 ? 15 TYR A OH   1 
ATOM   152 O OXT  . TYR A 1 9 ? 0.721   8.042  3.976  1.00 1.31 ? 15 TYR A OXT  1 
ATOM   153 H H    . TYR A 1 9 ? 0.373   3.938  2.674  1.00 0.55 ? 15 TYR A H    1 
ATOM   154 H HA   . TYR A 1 9 ? 2.031   5.959  3.690  1.00 1.00 ? 15 TYR A HA   1 
ATOM   155 H HB2  . TYR A 1 9 ? 2.115   5.007  1.362  1.00 1.45 ? 15 TYR A HB2  1 
ATOM   156 H HB3  . TYR A 1 9 ? 0.709   5.994  0.961  1.00 1.30 ? 15 TYR A HB3  1 
ATOM   157 H HD1  . TYR A 1 9 ? 4.275   6.073  1.945  1.00 1.90 ? 15 TYR A HD1  1 
ATOM   158 H HD2  . TYR A 1 9 ? 0.886   8.385  0.672  1.00 1.52 ? 15 TYR A HD2  1 
ATOM   159 H HE1  . TYR A 1 9 ? 5.758   8.017  1.527  1.00 2.60 ? 15 TYR A HE1  1 
ATOM   160 H HE2  . TYR A 1 9 ? 2.369   10.328 0.254  1.00 2.19 ? 15 TYR A HE2  1 
ATOM   161 H HH   . TYR A 1 9 ? 4.864   11.004 1.349  1.00 2.99 ? 15 TYR A HH   1 
# 
